data_5E50
#
_entry.id   5E50
#
_cell.length_a   38.496
_cell.length_b   58.540
_cell.length_c   94.930
_cell.angle_alpha   90.00
_cell.angle_beta   90.00
_cell.angle_gamma   90.00
#
_symmetry.space_group_name_H-M   'P 21 21 21'
#
loop_
_entity.id
_entity.type
_entity.pdbx_description
1 polymer 'Aprataxin and PNK-like factor'
2 polymer XRCC4
3 non-polymer 'MAGNESIUM ION'
4 water water
#
loop_
_entity_poly.entity_id
_entity_poly.type
_entity_poly.pdbx_seq_one_letter_code
_entity_poly.pdbx_strand_id
1 'polypeptide(L)'
;GPLGSMSGGFELQPRDGGPRVALAPGETVIGRGPLLGITDKRVSRRHAILEVAGGQLRIKPIHTNPCFYQSSEKSQLLPL
KPNLWCYLNPGDSFSMLVDKYIFRILSIPSA
;
A,B
2 'polypeptide(L)' AYDE(SEP)(TPO)DEE C,D
#
loop_
_chem_comp.id
_chem_comp.type
_chem_comp.name
_chem_comp.formula
MG non-polymer 'MAGNESIUM ION' 'Mg 2'
#
# COMPACT_ATOMS: atom_id res chain seq x y z
N GLY A 1 -21.85 -8.13 -6.08
CA GLY A 1 -21.22 -9.19 -5.32
C GLY A 1 -19.73 -8.96 -5.14
N PRO A 2 -18.98 -10.03 -4.88
CA PRO A 2 -17.53 -9.97 -4.67
C PRO A 2 -16.83 -9.51 -5.93
N LEU A 3 -15.76 -8.75 -5.77
CA LEU A 3 -15.07 -8.15 -6.93
C LEU A 3 -14.15 -9.09 -7.68
N GLY A 4 -13.71 -10.17 -7.05
CA GLY A 4 -12.81 -11.11 -7.72
C GLY A 4 -11.41 -10.56 -7.94
N SER A 5 -10.74 -11.01 -9.00
CA SER A 5 -9.32 -10.72 -9.16
C SER A 5 -9.03 -9.53 -10.07
N MET A 6 -7.85 -8.97 -9.90
CA MET A 6 -7.39 -7.86 -10.70
CA MET A 6 -7.38 -7.84 -10.69
C MET A 6 -6.03 -8.19 -11.26
N SER A 7 -5.81 -7.92 -12.54
CA SER A 7 -4.54 -8.26 -13.17
C SER A 7 -3.76 -7.00 -13.53
N GLY A 8 -2.56 -7.18 -14.06
CA GLY A 8 -1.75 -6.04 -14.50
C GLY A 8 -0.32 -6.17 -14.02
N GLY A 9 0.63 -5.97 -14.92
CA GLY A 9 2.02 -6.11 -14.56
C GLY A 9 2.77 -4.81 -14.74
N PHE A 10 4.06 -4.89 -14.49
CA PHE A 10 4.90 -3.68 -14.44
C PHE A 10 6.28 -3.94 -15.00
N GLU A 11 6.84 -2.89 -15.60
CA GLU A 11 8.21 -2.90 -16.06
CA GLU A 11 8.19 -2.90 -16.11
C GLU A 11 8.90 -1.64 -15.58
N LEU A 12 10.22 -1.73 -15.39
CA LEU A 12 11.02 -0.57 -15.02
C LEU A 12 11.77 -0.01 -16.23
N GLN A 13 11.69 1.30 -16.45
CA GLN A 13 12.42 1.92 -17.53
CA GLN A 13 12.43 1.92 -17.54
C GLN A 13 13.52 2.82 -16.96
N PRO A 14 14.79 2.42 -17.11
CA PRO A 14 15.86 3.28 -16.63
C PRO A 14 15.82 4.65 -17.31
N ARG A 15 16.04 5.70 -16.54
CA ARG A 15 16.06 7.05 -17.10
C ARG A 15 17.22 7.23 -18.10
N ASP A 16 18.30 6.47 -17.93
CA ASP A 16 19.48 6.59 -18.79
C ASP A 16 19.40 5.80 -20.11
N GLY A 17 18.23 5.22 -20.39
CA GLY A 17 18.01 4.55 -21.67
C GLY A 17 18.47 3.11 -21.73
N GLY A 18 18.96 2.58 -20.62
CA GLY A 18 19.27 1.17 -20.54
C GLY A 18 18.04 0.31 -20.80
N PRO A 19 18.24 -1.01 -20.96
CA PRO A 19 17.12 -1.91 -21.24
C PRO A 19 16.08 -1.93 -20.11
N ARG A 20 14.84 -2.10 -20.53
CA ARG A 20 13.75 -2.20 -19.55
C ARG A 20 13.80 -3.53 -18.82
N VAL A 21 13.28 -3.57 -17.60
CA VAL A 21 13.31 -4.79 -16.80
C VAL A 21 11.88 -5.15 -16.39
N ALA A 22 11.35 -6.28 -16.86
CA ALA A 22 10.02 -6.70 -16.45
C ALA A 22 10.05 -7.30 -15.04
N LEU A 23 9.08 -6.97 -14.22
CA LEU A 23 9.01 -7.48 -12.84
C LEU A 23 8.17 -8.73 -12.79
N ALA A 24 8.62 -9.70 -11.98
CA ALA A 24 7.86 -10.92 -11.74
C ALA A 24 6.73 -10.66 -10.74
N PRO A 25 5.70 -11.50 -10.78
CA PRO A 25 4.67 -11.42 -9.73
C PRO A 25 5.27 -11.70 -8.36
N GLY A 26 4.72 -11.06 -7.34
CA GLY A 26 5.21 -11.23 -5.98
C GLY A 26 6.36 -10.30 -5.65
N GLU A 27 7.15 -10.67 -4.65
CA GLU A 27 8.23 -9.80 -4.15
C GLU A 27 9.52 -10.02 -4.92
N THR A 28 10.22 -8.93 -5.22
CA THR A 28 11.56 -8.98 -5.77
C THR A 28 12.43 -8.03 -4.96
N VAL A 29 13.52 -8.54 -4.40
CA VAL A 29 14.48 -7.67 -3.73
C VAL A 29 15.36 -7.00 -4.78
N ILE A 30 15.52 -5.68 -4.64
CA ILE A 30 16.32 -4.93 -5.59
C ILE A 30 17.47 -4.21 -4.90
N GLY A 31 18.46 -3.84 -5.68
CA GLY A 31 19.64 -3.19 -5.15
C GLY A 31 20.82 -3.53 -6.02
N ARG A 32 22.00 -3.55 -5.42
CA ARG A 32 23.24 -3.84 -6.09
C ARG A 32 23.26 -5.33 -6.44
N GLY A 33 23.47 -5.67 -7.70
CA GLY A 33 23.37 -7.06 -8.12
C GLY A 33 23.01 -7.16 -9.59
N PRO A 34 22.89 -8.39 -10.11
CA PRO A 34 22.73 -8.56 -11.57
C PRO A 34 21.35 -8.19 -12.12
N LEU A 35 20.31 -8.12 -11.30
CA LEU A 35 18.97 -7.90 -11.87
C LEU A 35 18.90 -6.55 -12.58
N LEU A 36 19.36 -5.51 -11.90
CA LEU A 36 19.33 -4.17 -12.46
C LEU A 36 20.68 -3.70 -12.97
N GLY A 37 21.73 -4.48 -12.71
CA GLY A 37 23.08 -4.14 -13.13
C GLY A 37 23.70 -3.00 -12.36
N ILE A 38 23.17 -2.73 -11.17
CA ILE A 38 23.70 -1.67 -10.31
C ILE A 38 24.99 -2.17 -9.64
N THR A 39 26.07 -1.40 -9.74
CA THR A 39 27.33 -1.79 -9.13
C THR A 39 27.88 -0.78 -8.11
N ASP A 40 27.29 0.41 -8.03
CA ASP A 40 27.75 1.46 -7.12
C ASP A 40 27.67 0.95 -5.69
N LYS A 41 28.80 1.01 -4.98
CA LYS A 41 28.84 0.45 -3.64
C LYS A 41 27.96 1.16 -2.59
N ARG A 42 27.45 2.35 -2.93
CA ARG A 42 26.53 3.02 -2.01
C ARG A 42 25.12 2.44 -2.02
N VAL A 43 24.81 1.58 -3.00
CA VAL A 43 23.52 0.90 -3.02
C VAL A 43 23.72 -0.45 -2.33
N SER A 44 22.83 -0.80 -1.42
CA SER A 44 22.94 -2.07 -0.75
C SER A 44 22.56 -3.20 -1.72
N ARG A 45 23.11 -4.37 -1.49
CA ARG A 45 22.65 -5.58 -2.17
C ARG A 45 21.23 -5.99 -1.73
N ARG A 46 20.76 -5.44 -0.61
CA ARG A 46 19.36 -5.61 -0.18
C ARG A 46 18.84 -4.22 0.15
N HIS A 47 18.52 -3.48 -0.90
CA HIS A 47 18.22 -2.05 -0.77
C HIS A 47 16.73 -1.75 -0.63
N ALA A 48 15.90 -2.47 -1.37
CA ALA A 48 14.46 -2.25 -1.34
C ALA A 48 13.77 -3.53 -1.76
N ILE A 49 12.48 -3.61 -1.46
CA ILE A 49 11.66 -4.69 -2.00
C ILE A 49 10.56 -4.10 -2.87
N LEU A 50 10.38 -4.68 -4.05
CA LEU A 50 9.21 -4.36 -4.88
C LEU A 50 8.24 -5.52 -4.79
N GLU A 51 6.93 -5.23 -4.83
CA GLU A 51 5.94 -6.30 -4.89
C GLU A 51 4.90 -5.98 -5.94
N VAL A 52 4.69 -6.94 -6.86
CA VAL A 52 3.62 -6.84 -7.83
C VAL A 52 2.50 -7.81 -7.43
N ALA A 53 1.29 -7.30 -7.26
CA ALA A 53 0.18 -8.15 -6.87
C ALA A 53 -1.13 -7.43 -7.17
N GLY A 54 -2.10 -8.16 -7.71
CA GLY A 54 -3.45 -7.64 -7.87
C GLY A 54 -3.43 -6.35 -8.67
N GLY A 55 -2.54 -6.25 -9.65
CA GLY A 55 -2.48 -5.07 -10.50
C GLY A 55 -1.91 -3.83 -9.82
N GLN A 56 -1.21 -3.99 -8.71
CA GLN A 56 -0.58 -2.88 -8.01
C GLN A 56 0.89 -3.17 -7.76
N LEU A 57 1.67 -2.10 -7.67
CA LEU A 57 3.12 -2.18 -7.38
C LEU A 57 3.39 -1.35 -6.13
N ARG A 58 4.04 -1.95 -5.14
CA ARG A 58 4.50 -1.21 -3.98
C ARG A 58 6.00 -1.43 -3.75
N ILE A 59 6.63 -0.45 -3.12
CA ILE A 59 8.05 -0.49 -2.79
C ILE A 59 8.23 -0.30 -1.29
N LYS A 60 9.20 -1.01 -0.73
CA LYS A 60 9.60 -0.77 0.66
C LYS A 60 11.10 -0.60 0.74
N PRO A 61 11.58 0.59 1.16
CA PRO A 61 13.02 0.78 1.39
C PRO A 61 13.41 -0.01 2.64
N ILE A 62 14.48 -0.80 2.56
CA ILE A 62 14.86 -1.64 3.69
C ILE A 62 16.26 -1.42 4.23
N HIS A 63 16.92 -0.37 3.75
CA HIS A 63 18.28 -0.09 4.18
C HIS A 63 18.37 1.34 4.73
N THR A 64 19.38 1.62 5.53
CA THR A 64 19.58 2.99 6.00
C THR A 64 19.87 3.95 4.85
N ASN A 65 20.56 3.47 3.81
CA ASN A 65 20.73 4.27 2.61
C ASN A 65 19.37 4.30 1.91
N PRO A 66 18.80 5.48 1.67
CA PRO A 66 17.37 5.52 1.35
C PRO A 66 17.00 5.31 -0.12
N CYS A 67 15.70 5.23 -0.38
CA CYS A 67 15.16 5.25 -1.75
C CYS A 67 14.46 6.58 -1.92
N PHE A 68 14.23 6.94 -3.18
CA PHE A 68 13.61 8.24 -3.50
C PHE A 68 12.43 8.04 -4.44
N TYR A 69 11.50 9.00 -4.43
CA TYR A 69 10.26 8.86 -5.18
C TYR A 69 9.92 10.19 -5.85
N GLN A 70 9.38 10.13 -7.05
CA GLN A 70 8.93 11.32 -7.77
C GLN A 70 7.62 10.96 -8.43
N SER A 71 6.54 11.58 -7.94
CA SER A 71 5.25 11.40 -8.58
C SER A 71 5.32 11.88 -10.03
N SER A 72 4.54 11.27 -10.92
CA SER A 72 4.62 11.65 -12.33
C SER A 72 4.29 13.14 -12.55
N GLU A 73 3.50 13.70 -11.65
CA GLU A 73 3.06 15.10 -11.76
CA GLU A 73 3.06 15.09 -11.73
C GLU A 73 4.10 16.10 -11.25
N LYS A 74 5.08 15.63 -10.47
CA LYS A 74 6.07 16.49 -9.83
C LYS A 74 7.47 16.39 -10.45
N SER A 75 8.44 17.12 -9.90
CA SER A 75 9.74 17.25 -10.58
C SER A 75 10.96 17.04 -9.69
N GLN A 76 10.79 16.55 -8.48
CA GLN A 76 11.95 16.34 -7.60
C GLN A 76 11.88 14.97 -6.94
N LEU A 77 12.96 14.21 -7.05
CA LEU A 77 13.07 12.94 -6.31
C LEU A 77 13.27 13.28 -4.81
N LEU A 78 12.40 12.74 -3.98
CA LEU A 78 12.42 13.01 -2.54
C LEU A 78 12.47 11.69 -1.79
N PRO A 79 13.09 11.69 -0.60
CA PRO A 79 13.20 10.42 0.12
C PRO A 79 11.89 9.78 0.52
N LEU A 80 11.84 8.46 0.39
CA LEU A 80 10.72 7.68 0.89
C LEU A 80 10.93 7.38 2.37
N LYS A 81 9.84 7.25 3.11
CA LYS A 81 9.98 6.91 4.52
C LYS A 81 10.60 5.52 4.69
N PRO A 82 11.60 5.42 5.57
CA PRO A 82 12.26 4.13 5.71
C PRO A 82 11.33 3.04 6.22
N ASN A 83 11.45 1.86 5.63
CA ASN A 83 10.80 0.66 6.16
C ASN A 83 9.30 0.59 6.04
N LEU A 84 8.72 1.41 5.18
CA LEU A 84 7.28 1.40 4.97
C LEU A 84 7.01 1.09 3.51
N TRP A 85 6.02 0.26 3.25
CA TRP A 85 5.53 0.09 1.87
C TRP A 85 4.83 1.35 1.40
N CYS A 86 5.03 1.65 0.12
CA CYS A 86 4.40 2.79 -0.57
C CYS A 86 3.95 2.33 -1.96
N TYR A 87 2.67 2.51 -2.31
CA TYR A 87 2.22 2.20 -3.67
C TYR A 87 2.82 3.20 -4.67
N LEU A 88 3.19 2.67 -5.82
CA LEU A 88 3.72 3.48 -6.93
C LEU A 88 2.73 3.45 -8.07
N ASN A 89 2.42 4.61 -8.64
CA ASN A 89 1.54 4.65 -9.81
C ASN A 89 2.33 4.53 -11.09
N PRO A 90 1.72 3.90 -12.11
CA PRO A 90 2.38 3.90 -13.42
C PRO A 90 2.72 5.34 -13.84
N GLY A 91 3.93 5.55 -14.38
CA GLY A 91 4.39 6.88 -14.73
C GLY A 91 5.21 7.55 -13.63
N ASP A 92 5.07 7.10 -12.38
CA ASP A 92 5.92 7.59 -11.30
C ASP A 92 7.35 7.11 -11.50
N SER A 93 8.30 7.74 -10.81
CA SER A 93 9.68 7.26 -10.81
C SER A 93 10.14 7.00 -9.39
N PHE A 94 11.10 6.09 -9.22
CA PHE A 94 11.81 5.96 -7.97
C PHE A 94 13.28 5.82 -8.27
N SER A 95 14.12 6.02 -7.27
CA SER A 95 15.57 5.88 -7.49
C SER A 95 16.27 5.30 -6.26
N MET A 96 17.46 4.76 -6.49
CA MET A 96 18.25 4.13 -5.43
C MET A 96 19.28 5.07 -4.84
N LEU A 97 19.58 6.16 -5.57
CA LEU A 97 20.40 7.28 -5.06
C LEU A 97 19.67 8.56 -5.52
N VAL A 98 19.98 9.72 -4.94
CA VAL A 98 19.14 10.88 -5.26
C VAL A 98 19.18 11.23 -6.74
N ASP A 99 20.31 10.95 -7.39
CA ASP A 99 20.57 11.41 -8.75
C ASP A 99 21.08 10.33 -9.69
N LYS A 100 20.91 9.07 -9.29
CA LYS A 100 21.39 7.95 -10.10
C LYS A 100 20.46 6.76 -9.88
N TYR A 101 20.43 5.85 -10.85
CA TYR A 101 19.63 4.63 -10.78
C TYR A 101 18.15 4.97 -10.57
N ILE A 102 17.65 5.73 -11.53
CA ILE A 102 16.28 6.22 -11.54
C ILE A 102 15.49 5.39 -12.53
N PHE A 103 14.28 4.98 -12.13
CA PHE A 103 13.43 4.12 -12.95
C PHE A 103 12.02 4.66 -13.02
N ARG A 104 11.45 4.70 -14.22
CA ARG A 104 10.04 5.02 -14.40
C ARG A 104 9.23 3.73 -14.43
N ILE A 105 8.05 3.75 -13.81
CA ILE A 105 7.19 2.58 -13.76
C ILE A 105 6.28 2.55 -15.01
N LEU A 106 6.36 1.48 -15.78
CA LEU A 106 5.47 1.29 -16.91
C LEU A 106 4.49 0.16 -16.62
N SER A 107 3.29 0.31 -17.16
CA SER A 107 2.28 -0.73 -17.03
CA SER A 107 2.26 -0.71 -17.05
CA SER A 107 2.26 -0.73 -17.05
C SER A 107 2.31 -1.67 -18.25
N ILE A 108 2.28 -2.98 -17.97
CA ILE A 108 2.28 -4.04 -19.00
C ILE A 108 1.29 -5.15 -18.62
N PRO A 109 0.96 -6.03 -19.57
CA PRO A 109 0.05 -7.13 -19.20
C PRO A 109 0.65 -8.08 -18.14
N SER A 110 -0.20 -8.72 -17.35
CA SER A 110 0.26 -9.82 -16.51
C SER A 110 0.58 -11.03 -17.37
N ALA A 111 1.55 -11.84 -16.94
N GLY B 1 22.93 0.15 7.90
CA GLY B 1 22.58 -1.23 7.65
C GLY B 1 21.09 -1.39 7.45
N PRO B 2 20.61 -2.62 7.59
CA PRO B 2 19.18 -2.94 7.43
C PRO B 2 18.34 -2.17 8.45
N LEU B 3 17.13 -1.79 8.07
CA LEU B 3 16.27 -1.04 8.99
C LEU B 3 15.63 -1.93 10.05
N GLY B 4 15.44 -3.20 9.71
CA GLY B 4 14.88 -4.15 10.65
C GLY B 4 13.38 -4.11 10.80
N SER B 5 12.91 -4.53 11.98
CA SER B 5 11.48 -4.72 12.22
C SER B 5 10.73 -3.47 12.63
N MET B 6 9.59 -3.23 11.97
CA MET B 6 8.73 -2.13 12.36
C MET B 6 7.57 -2.65 13.18
N SER B 7 7.34 -2.00 14.31
CA SER B 7 6.20 -2.35 15.15
C SER B 7 5.13 -1.29 15.06
N GLY B 8 3.96 -1.60 15.60
CA GLY B 8 2.84 -0.67 15.65
C GLY B 8 1.54 -1.38 15.36
N GLY B 9 0.56 -1.14 16.23
CA GLY B 9 -0.74 -1.73 16.02
C GLY B 9 -1.82 -0.69 15.79
N PHE B 10 -3.05 -1.17 15.62
CA PHE B 10 -4.15 -0.30 15.19
C PHE B 10 -5.43 -0.70 15.85
N GLU B 11 -6.24 0.31 16.10
CA GLU B 11 -7.54 0.14 16.67
C GLU B 11 -8.55 0.93 15.85
N LEU B 12 -9.77 0.42 15.74
CA LEU B 12 -10.84 1.20 15.12
C LEU B 12 -11.66 1.90 16.21
N GLN B 13 -11.92 3.18 16.00
CA GLN B 13 -12.78 3.96 16.87
CA GLN B 13 -12.77 3.98 16.87
C GLN B 13 -14.05 4.32 16.11
N PRO B 14 -15.17 3.67 16.47
CA PRO B 14 -16.41 3.96 15.73
C PRO B 14 -16.89 5.34 16.04
N ARG B 15 -17.31 6.07 15.00
CA ARG B 15 -17.92 7.38 15.21
C ARG B 15 -19.25 7.32 15.99
N ASP B 16 -19.92 6.16 15.99
CA ASP B 16 -21.24 6.02 16.59
CA ASP B 16 -21.26 6.05 16.58
C ASP B 16 -21.23 5.61 18.06
N GLY B 17 -20.07 5.67 18.71
CA GLY B 17 -20.01 5.47 20.16
C GLY B 17 -19.90 4.04 20.65
N GLY B 18 -19.72 3.12 19.70
CA GLY B 18 -19.51 1.74 20.03
C GLY B 18 -18.12 1.50 20.58
N PRO B 19 -17.85 0.26 20.89
CA PRO B 19 -16.57 -0.14 21.46
C PRO B 19 -15.40 0.08 20.48
N ARG B 20 -14.24 0.46 20.97
CA ARG B 20 -13.03 0.39 20.16
C ARG B 20 -12.69 -1.06 19.90
N VAL B 21 -12.20 -1.34 18.69
CA VAL B 21 -11.85 -2.71 18.34
C VAL B 21 -10.38 -2.76 17.96
N ALA B 22 -9.55 -3.45 18.75
CA ALA B 22 -8.15 -3.64 18.38
C ALA B 22 -8.05 -4.66 17.26
N LEU B 23 -7.26 -4.35 16.24
CA LEU B 23 -7.12 -5.26 15.11
C LEU B 23 -5.98 -6.26 15.34
N ALA B 24 -6.21 -7.51 14.94
CA ALA B 24 -5.16 -8.51 15.02
C ALA B 24 -4.15 -8.35 13.89
N PRO B 25 -2.91 -8.78 14.13
CA PRO B 25 -1.96 -8.86 13.03
C PRO B 25 -2.51 -9.72 11.90
N GLY B 26 -2.20 -9.37 10.66
CA GLY B 26 -2.68 -10.12 9.52
C GLY B 26 -3.98 -9.54 8.99
N GLU B 27 -4.72 -10.37 8.26
CA GLU B 27 -5.97 -9.94 7.62
C GLU B 27 -7.18 -10.15 8.50
N THR B 28 -8.10 -9.20 8.43
CA THR B 28 -9.42 -9.29 9.08
C THR B 28 -10.46 -8.87 8.07
N VAL B 29 -11.41 -9.74 7.79
CA VAL B 29 -12.53 -9.37 6.92
C VAL B 29 -13.55 -8.59 7.74
N ILE B 30 -14.01 -7.48 7.20
CA ILE B 30 -14.99 -6.67 7.92
C ILE B 30 -16.22 -6.46 7.07
N GLY B 31 -17.28 -6.01 7.74
CA GLY B 31 -18.59 -5.84 7.14
C GLY B 31 -19.67 -6.18 8.15
N ARG B 32 -20.78 -6.69 7.64
CA ARG B 32 -21.92 -7.08 8.47
C ARG B 32 -21.59 -8.33 9.27
N GLY B 33 -21.90 -8.31 10.57
CA GLY B 33 -21.61 -9.43 11.45
C GLY B 33 -21.34 -8.96 12.86
N PRO B 34 -21.04 -9.89 13.78
CA PRO B 34 -20.87 -9.58 15.20
C PRO B 34 -19.55 -8.89 15.55
N LEU B 35 -18.54 -8.93 14.69
CA LEU B 35 -17.29 -8.27 15.05
C LEU B 35 -17.54 -6.78 15.33
N LEU B 36 -18.27 -6.14 14.41
CA LEU B 36 -18.54 -4.73 14.54
C LEU B 36 -19.99 -4.44 14.92
N GLY B 37 -20.82 -5.47 15.05
CA GLY B 37 -22.21 -5.30 15.42
C GLY B 37 -23.04 -4.58 14.36
N ILE B 38 -22.68 -4.80 13.10
CA ILE B 38 -23.42 -4.23 11.97
C ILE B 38 -24.39 -5.27 11.43
N THR B 39 -25.67 -4.92 11.41
CA THR B 39 -26.69 -5.81 10.89
C THR B 39 -27.38 -5.26 9.63
N ASP B 40 -26.97 -4.09 9.16
CA ASP B 40 -27.61 -3.42 8.01
C ASP B 40 -27.32 -4.17 6.70
N LYS B 41 -28.39 -4.62 6.04
CA LYS B 41 -28.33 -5.44 4.83
C LYS B 41 -27.58 -4.78 3.67
N ARG B 42 -27.44 -3.46 3.74
CA ARG B 42 -26.72 -2.72 2.69
C ARG B 42 -25.19 -2.90 2.78
N VAL B 43 -24.73 -3.45 3.90
CA VAL B 43 -23.31 -3.75 4.09
C VAL B 43 -23.11 -5.26 3.85
N SER B 44 -22.11 -5.62 3.04
CA SER B 44 -21.84 -7.03 2.79
C SER B 44 -21.24 -7.71 4.00
N ARG B 45 -21.48 -9.01 4.14
CA ARG B 45 -20.75 -9.81 5.11
C ARG B 45 -19.26 -9.95 4.76
N ARG B 46 -18.92 -9.67 3.50
CA ARG B 46 -17.51 -9.61 3.08
C ARG B 46 -17.31 -8.28 2.36
N HIS B 47 -17.28 -7.19 3.12
CA HIS B 47 -17.30 -5.86 2.53
C HIS B 47 -15.89 -5.33 2.22
N ALA B 48 -14.96 -5.56 3.14
CA ALA B 48 -13.58 -5.09 2.97
C ALA B 48 -12.64 -6.00 3.71
N ILE B 49 -11.36 -5.94 3.34
CA ILE B 49 -10.32 -6.58 4.13
C ILE B 49 -9.41 -5.53 4.73
N LEU B 50 -9.12 -5.66 6.01
CA LEU B 50 -8.07 -4.87 6.67
C LEU B 50 -6.85 -5.74 6.88
N GLU B 51 -5.66 -5.23 6.65
CA GLU B 51 -4.46 -5.98 6.96
C GLU B 51 -3.49 -5.16 7.79
N VAL B 52 -3.07 -5.73 8.92
CA VAL B 52 -2.05 -5.12 9.76
C VAL B 52 -0.76 -5.90 9.57
N ALA B 53 0.31 -5.21 9.18
CA ALA B 53 1.59 -5.87 8.96
C ALA B 53 2.69 -4.83 9.04
N GLY B 54 3.80 -5.14 9.71
CA GLY B 54 4.95 -4.27 9.70
C GLY B 54 4.66 -2.84 10.10
N GLY B 55 3.73 -2.67 11.04
CA GLY B 55 3.42 -1.35 11.55
C GLY B 55 2.60 -0.50 10.60
N GLN B 56 1.95 -1.13 9.63
CA GLN B 56 1.06 -0.42 8.70
C GLN B 56 -0.28 -1.11 8.60
N LEU B 57 -1.29 -0.33 8.23
CA LEU B 57 -2.64 -0.83 8.03
C LEU B 57 -3.08 -0.47 6.61
N ARG B 58 -3.60 -1.45 5.87
CA ARG B 58 -4.20 -1.18 4.56
C ARG B 58 -5.59 -1.79 4.46
N ILE B 59 -6.43 -1.18 3.63
CA ILE B 59 -7.80 -1.64 3.40
C ILE B 59 -7.98 -1.96 1.92
N LYS B 60 -8.75 -3.00 1.62
CA LYS B 60 -9.17 -3.28 0.25
C LYS B 60 -10.69 -3.45 0.20
N PRO B 61 -11.38 -2.60 -0.60
CA PRO B 61 -12.81 -2.84 -0.83
C PRO B 61 -12.95 -4.09 -1.70
N ILE B 62 -13.75 -5.05 -1.26
CA ILE B 62 -13.86 -6.31 -2.01
C ILE B 62 -15.28 -6.62 -2.47
N HIS B 63 -16.17 -5.63 -2.41
CA HIS B 63 -17.56 -5.83 -2.83
C HIS B 63 -17.97 -4.72 -3.79
N THR B 64 -18.99 -4.95 -4.60
CA THR B 64 -19.49 -3.90 -5.48
C THR B 64 -20.11 -2.73 -4.70
N ASN B 65 -20.62 -2.97 -3.49
CA ASN B 65 -21.01 -1.85 -2.61
C ASN B 65 -19.70 -1.26 -2.08
N PRO B 66 -19.48 0.05 -2.29
CA PRO B 66 -18.16 0.64 -2.05
C PRO B 66 -17.78 0.85 -0.58
N CYS B 67 -16.49 1.09 -0.37
CA CYS B 67 -16.01 1.66 0.88
C CYS B 67 -15.67 3.10 0.64
N PHE B 68 -15.61 3.89 1.70
CA PHE B 68 -15.31 5.31 1.65
C PHE B 68 -14.13 5.64 2.55
N TYR B 69 -13.39 6.70 2.19
CA TYR B 69 -12.15 7.06 2.86
C TYR B 69 -12.14 8.57 3.11
N GLN B 70 -11.68 8.97 4.29
CA GLN B 70 -11.49 10.38 4.64
C GLN B 70 -10.09 10.51 5.22
N SER B 71 -9.17 11.14 4.49
CA SER B 71 -7.84 11.38 5.02
C SER B 71 -7.91 12.24 6.28
N SER B 72 -6.91 12.11 7.15
CA SER B 72 -6.86 12.88 8.40
C SER B 72 -6.88 14.39 8.19
N GLU B 73 -6.50 14.86 7.00
CA GLU B 73 -6.49 16.29 6.79
C GLU B 73 -7.69 16.82 6.04
N LYS B 74 -8.72 15.98 5.85
CA LYS B 74 -9.89 16.30 5.07
C LYS B 74 -11.17 16.10 5.90
N SER B 75 -12.30 16.54 5.36
CA SER B 75 -13.58 16.57 6.07
CA SER B 75 -13.55 16.50 6.11
C SER B 75 -14.68 15.76 5.38
N GLN B 76 -14.36 15.05 4.30
CA GLN B 76 -15.39 14.33 3.56
CA GLN B 76 -15.39 14.33 3.56
C GLN B 76 -15.00 12.89 3.24
N LEU B 77 -15.98 11.99 3.41
CA LEU B 77 -15.80 10.59 3.05
C LEU B 77 -16.02 10.41 1.54
N LEU B 78 -15.00 9.92 0.82
CA LEU B 78 -15.08 9.72 -0.63
C LEU B 78 -14.89 8.25 -1.00
N PRO B 79 -15.58 7.79 -2.06
CA PRO B 79 -15.46 6.37 -2.40
C PRO B 79 -14.06 5.98 -2.81
N LEU B 80 -13.65 4.80 -2.36
CA LEU B 80 -12.36 4.21 -2.73
C LEU B 80 -12.47 3.46 -4.03
N LYS B 81 -11.38 3.42 -4.79
CA LYS B 81 -11.32 2.62 -6.01
C LYS B 81 -11.57 1.15 -5.65
N PRO B 82 -12.51 0.52 -6.36
CA PRO B 82 -12.80 -0.88 -6.01
C PRO B 82 -11.61 -1.82 -6.20
N ASN B 83 -11.44 -2.75 -5.25
CA ASN B 83 -10.50 -3.87 -5.41
C ASN B 83 -9.04 -3.51 -5.35
N LEU B 84 -8.71 -2.31 -4.86
CA LEU B 84 -7.31 -1.93 -4.69
C LEU B 84 -7.02 -1.73 -3.21
N TRP B 85 -5.84 -2.16 -2.76
CA TRP B 85 -5.41 -1.83 -1.42
C TRP B 85 -5.06 -0.34 -1.34
N CYS B 86 -5.37 0.26 -0.19
CA CYS B 86 -5.04 1.65 0.13
C CYS B 86 -4.51 1.69 1.58
N TYR B 87 -3.35 2.31 1.80
CA TYR B 87 -2.86 2.49 3.16
C TYR B 87 -3.70 3.46 3.95
N LEU B 88 -3.95 3.14 5.22
CA LEU B 88 -4.66 4.01 6.13
C LEU B 88 -3.69 4.45 7.21
N ASN B 89 -3.58 5.76 7.40
CA ASN B 89 -2.75 6.30 8.45
C ASN B 89 -3.57 6.59 9.71
N PRO B 90 -2.92 6.60 10.88
CA PRO B 90 -3.66 7.03 12.07
C PRO B 90 -4.28 8.40 11.82
N GLY B 91 -5.53 8.54 12.24
CA GLY B 91 -6.27 9.77 12.03
C GLY B 91 -7.18 9.73 10.83
N ASP B 92 -6.88 8.85 9.87
CA ASP B 92 -7.77 8.66 8.73
C ASP B 92 -9.04 7.96 9.21
N SER B 93 -10.09 8.05 8.40
CA SER B 93 -11.31 7.30 8.64
C SER B 93 -11.72 6.56 7.39
N PHE B 94 -12.49 5.50 7.58
CA PHE B 94 -13.13 4.84 6.46
C PHE B 94 -14.57 4.50 6.88
N SER B 95 -15.41 4.21 5.91
CA SER B 95 -16.78 3.84 6.23
C SER B 95 -17.30 2.80 5.24
N MET B 96 -18.37 2.12 5.64
CA MET B 96 -18.95 1.10 4.76
C MET B 96 -20.26 1.51 4.10
N LEU B 97 -20.79 2.67 4.49
CA LEU B 97 -21.84 3.38 3.74
C LEU B 97 -21.39 4.82 3.67
N VAL B 98 -21.98 5.63 2.80
CA VAL B 98 -21.45 6.98 2.62
C VAL B 98 -21.51 7.82 3.91
N ASP B 99 -22.50 7.57 4.76
CA ASP B 99 -22.73 8.38 5.94
C ASP B 99 -23.00 7.54 7.18
N LYS B 100 -22.61 6.27 7.15
CA LYS B 100 -22.84 5.40 8.31
C LYS B 100 -21.73 4.37 8.39
N TYR B 101 -21.54 3.81 9.59
CA TYR B 101 -20.54 2.76 9.82
C TYR B 101 -19.16 3.30 9.49
N ILE B 102 -18.84 4.40 10.19
CA ILE B 102 -17.61 5.17 10.01
C ILE B 102 -16.67 4.85 11.17
N PHE B 103 -15.39 4.63 10.85
CA PHE B 103 -14.38 4.28 11.86
C PHE B 103 -13.12 5.13 11.68
N ARG B 104 -12.62 5.71 12.77
CA ARG B 104 -11.33 6.40 12.73
C ARG B 104 -10.21 5.42 13.11
N ILE B 105 -9.07 5.55 12.46
CA ILE B 105 -7.93 4.68 12.77
C ILE B 105 -7.11 5.28 13.89
N LEU B 106 -6.87 4.49 14.92
CA LEU B 106 -6.01 4.93 16.03
C LEU B 106 -4.76 4.08 16.06
N SER B 107 -3.63 4.73 16.34
CA SER B 107 -2.38 4.01 16.55
C SER B 107 -2.32 3.54 18.01
N ILE B 108 -2.00 2.27 18.20
CA ILE B 108 -1.85 1.69 19.55
C ILE B 108 -0.59 0.84 19.59
N PRO B 109 -0.11 0.53 20.79
CA PRO B 109 1.07 -0.35 20.84
C PRO B 109 0.79 -1.70 20.18
N SER B 110 1.83 -2.32 19.62
CA SER B 110 1.67 -3.63 18.99
C SER B 110 1.24 -4.69 19.99
C ALA C 1 -28.50 -10.35 9.67
N TYR C 2 -27.74 -11.24 10.30
CA TYR C 2 -26.46 -11.64 9.74
C TYR C 2 -26.59 -12.65 8.61
N ASP C 3 -27.79 -13.16 8.35
CA ASP C 3 -27.93 -14.15 7.27
C ASP C 3 -28.66 -13.64 6.03
N GLU C 4 -29.03 -12.37 6.05
CA GLU C 4 -29.70 -11.75 4.91
C GLU C 4 -28.71 -11.64 3.76
N SEP C 5 -29.15 -11.90 2.53
CA SEP C 5 -28.30 -11.54 1.40
CB SEP C 5 -28.78 -12.13 0.07
OG SEP C 5 -29.94 -11.47 -0.33
C SEP C 5 -28.16 -10.03 1.30
O SEP C 5 -29.06 -9.25 1.66
P SEP C 5 -30.54 -12.06 -1.70
O1P SEP C 5 -31.89 -11.27 -2.10
O2P SEP C 5 -30.87 -13.60 -1.39
O3P SEP C 5 -29.42 -11.92 -2.87
N TPO C 6 -26.98 -9.62 0.86
CA TPO C 6 -26.63 -8.21 0.79
CB TPO C 6 -25.16 -8.09 0.42
CG2 TPO C 6 -24.68 -6.63 0.40
OG1 TPO C 6 -24.43 -8.79 1.46
P TPO C 6 -23.62 -10.13 1.04
O1P TPO C 6 -22.58 -9.70 -0.07
O2P TPO C 6 -22.95 -10.57 2.38
O3P TPO C 6 -24.61 -11.14 0.54
C TPO C 6 -27.50 -7.48 -0.23
O TPO C 6 -27.76 -7.98 -1.31
N ASP C 7 -27.97 -6.29 0.14
CA ASP C 7 -28.74 -5.43 -0.76
C ASP C 7 -27.79 -4.58 -1.60
N GLU C 8 -27.87 -4.68 -2.91
CA GLU C 8 -27.07 -3.82 -3.78
C GLU C 8 -27.82 -2.57 -4.25
N GLU C 9 -27.08 -1.52 -4.59
C ALA D 1 30.06 -7.40 -8.16
N TYR D 2 29.90 -8.09 -7.03
CA TYR D 2 28.98 -7.67 -5.98
C TYR D 2 29.33 -8.30 -4.64
N ASP D 3 30.62 -8.49 -4.38
CA ASP D 3 31.04 -9.13 -3.14
C ASP D 3 31.43 -8.13 -2.05
N GLU D 4 31.48 -6.85 -2.41
CA GLU D 4 31.99 -5.86 -1.48
C GLU D 4 30.89 -5.22 -0.61
N SEP D 5 31.26 -4.84 0.61
CA SEP D 5 30.27 -4.36 1.55
CB SEP D 5 30.85 -4.32 2.96
OG SEP D 5 31.85 -3.34 2.99
C SEP D 5 29.80 -2.97 1.13
O SEP D 5 30.52 -2.19 0.50
P SEP D 5 32.77 -3.41 4.30
O1P SEP D 5 34.15 -2.68 3.91
O2P SEP D 5 33.08 -4.94 4.68
O3P SEP D 5 31.98 -2.65 5.47
N TPO D 6 28.56 -2.69 1.48
CA TPO D 6 27.89 -1.42 1.16
CB TPO D 6 26.40 -1.55 1.53
CG2 TPO D 6 25.62 -0.30 1.10
OG1 TPO D 6 25.87 -2.68 0.83
P TPO D 6 25.41 -3.97 1.72
O1P TPO D 6 24.28 -3.47 2.67
O2P TPO D 6 26.61 -4.49 2.44
O3P TPO D 6 24.91 -4.94 0.61
C TPO D 6 28.54 -0.22 1.85
O TPO D 6 28.90 -0.28 3.01
N ASP D 7 28.70 0.87 1.12
CA ASP D 7 29.27 2.11 1.65
CA ASP D 7 29.27 2.09 1.68
C ASP D 7 28.19 2.98 2.28
N GLU D 8 28.35 3.30 3.57
CA GLU D 8 27.44 4.19 4.30
C GLU D 8 28.17 5.49 4.67
N GLU D 9 27.51 6.33 5.47
MG MG E . -23.27 -12.77 -2.96
MG MG F . 25.62 -4.42 6.58
#